data_4AGO
#
_entry.id   4AGO
#
_cell.length_a   65.050
_cell.length_b   71.130
_cell.length_c   105.150
_cell.angle_alpha   90.00
_cell.angle_beta   90.00
_cell.angle_gamma   90.00
#
_symmetry.space_group_name_H-M   'P 21 21 21'
#
loop_
_entity.id
_entity.type
_entity.pdbx_description
1 polymer 'CELLULAR TUMOR ANTIGEN P53'
2 non-polymer 'TERT-BUTYL [3-(3-{[4-(DIETHYLAMINO)PIPERIDIN-1-YL]METHYL}-4-HYDROXY-5-IODOPHENYL)PROP-2-YN-1-YL]CARBAMATE'
3 non-polymer 'ZINC ION'
4 water water
#
_entity_poly.entity_id   1
_entity_poly.type   'polypeptide(L)'
_entity_poly.pdbx_seq_one_letter_code
;SSSVPSQKTYQGSYGFRLGFLHSGTAKSVTCTYSPALNKLFCQLAKTCPVQLWVDSTPPPGTRVRAMAIYKQSQHMTEVV
RRCPHHERCSDSDGLAPPQHLIRVEGNLRAEYLDDRNTFRHSVVVPCEPPEVGSDCTTIHYNYMCYSSCMGGMNRRPILT
IITLEDSSGNLLGRDSFEVRVCACPGRDRRTEEENLRKKGEPHHELPPGSTKRALPNNT
;
_entity_poly.pdbx_strand_id   A,B
#
loop_
_chem_comp.id
_chem_comp.type
_chem_comp.name
_chem_comp.formula
P74 non-polymer 'TERT-BUTYL [3-(3-{[4-(DIETHYLAMINO)PIPERIDIN-1-YL]METHYL}-4-HYDROXY-5-IODOPHENYL)PROP-2-YN-1-YL]CARBAMATE' 'C24 H36 I N3 O3'
ZN non-polymer 'ZINC ION' 'Zn 2'
#
# COMPACT_ATOMS: atom_id res chain seq x y z
N SER A 3 -1.57 7.32 11.96
CA SER A 3 -1.80 7.20 10.53
C SER A 3 -0.62 6.56 9.81
N VAL A 4 -0.87 6.04 8.61
CA VAL A 4 0.16 5.37 7.84
C VAL A 4 0.54 6.22 6.62
N PRO A 5 1.81 6.62 6.52
CA PRO A 5 2.31 7.36 5.35
C PRO A 5 2.13 6.55 4.08
N SER A 6 1.84 7.21 2.96
CA SER A 6 1.69 6.53 1.68
C SER A 6 2.98 5.87 1.22
N GLN A 7 2.85 4.73 0.55
CA GLN A 7 3.98 4.04 -0.04
C GLN A 7 3.84 3.94 -1.55
N LYS A 8 2.91 4.74 -2.10
CA LYS A 8 2.62 4.71 -3.53
C LYS A 8 3.80 5.27 -4.32
N THR A 9 4.31 4.46 -5.24
CA THR A 9 5.36 4.91 -6.15
C THR A 9 4.86 6.09 -6.98
N TYR A 10 5.66 7.15 -7.02
CA TYR A 10 5.27 8.38 -7.70
C TYR A 10 6.49 9.10 -8.22
N GLN A 11 6.68 9.10 -9.53
CA GLN A 11 7.87 9.71 -10.10
C GLN A 11 7.80 11.23 -10.07
N GLY A 12 6.59 11.77 -10.22
CA GLY A 12 6.42 13.21 -10.19
C GLY A 12 7.00 13.90 -11.40
N SER A 13 7.07 15.23 -11.33
CA SER A 13 7.46 16.06 -12.46
CA SER A 13 7.44 16.02 -12.49
C SER A 13 8.93 15.89 -12.83
N TYR A 14 9.72 15.42 -11.87
CA TYR A 14 11.16 15.30 -12.08
C TYR A 14 11.62 13.89 -12.44
N GLY A 15 10.68 12.95 -12.53
CA GLY A 15 11.03 11.59 -12.87
C GLY A 15 11.91 10.93 -11.83
N PHE A 16 11.53 11.11 -10.56
CA PHE A 16 12.30 10.59 -9.42
C PHE A 16 12.15 9.09 -9.22
N ARG A 17 13.28 8.38 -9.10
CA ARG A 17 13.27 6.97 -8.73
C ARG A 17 14.59 6.57 -8.08
N LEU A 18 14.58 5.48 -7.33
CA LEU A 18 15.80 4.97 -6.70
C LEU A 18 16.57 4.03 -7.64
N GLY A 19 17.82 3.76 -7.27
CA GLY A 19 18.60 2.71 -7.91
C GLY A 19 19.49 2.04 -6.89
N PHE A 20 19.88 0.80 -7.17
CA PHE A 20 20.70 0.03 -6.25
C PHE A 20 21.85 -0.61 -7.01
N LEU A 21 22.98 -0.79 -6.32
CA LEU A 21 24.13 -1.47 -6.91
C LEU A 21 23.84 -2.95 -7.06
N HIS A 22 24.69 -3.63 -7.82
CA HIS A 22 24.62 -5.07 -7.98
C HIS A 22 25.74 -5.73 -7.19
N SER A 23 25.47 -6.04 -5.93
CA SER A 23 26.52 -6.42 -4.99
C SER A 23 26.72 -7.91 -4.88
N GLY A 24 25.81 -8.68 -5.47
CA GLY A 24 25.88 -10.13 -5.43
C GLY A 24 25.48 -10.71 -4.09
N THR A 25 25.62 -12.02 -3.93
CA THR A 25 25.10 -12.69 -2.75
C THR A 25 26.12 -13.58 -2.03
N ALA A 26 27.39 -13.26 -2.19
CA ALA A 26 28.44 -13.98 -1.47
C ALA A 26 28.19 -13.89 0.02
N LYS A 27 28.60 -14.92 0.76
CA LYS A 27 28.31 -14.94 2.19
C LYS A 27 28.96 -13.76 2.90
N SER A 28 29.99 -13.17 2.30
CA SER A 28 30.71 -12.05 2.92
C SER A 28 30.04 -10.68 2.70
N VAL A 29 29.09 -10.61 1.78
CA VAL A 29 28.53 -9.32 1.37
C VAL A 29 27.79 -8.63 2.54
N THR A 30 27.89 -7.31 2.62
CA THR A 30 27.34 -6.57 3.78
C THR A 30 26.04 -5.84 3.47
N CYS A 31 25.75 -5.66 2.18
CA CYS A 31 24.56 -4.96 1.72
C CYS A 31 24.29 -5.48 0.31
N THR A 32 23.07 -5.93 0.06
CA THR A 32 22.74 -6.40 -1.28
C THR A 32 21.25 -6.23 -1.54
N TYR A 33 20.92 -5.84 -2.76
CA TYR A 33 19.55 -5.55 -3.13
C TYR A 33 18.96 -6.58 -4.09
N SER A 34 17.74 -7.03 -3.80
CA SER A 34 17.03 -7.96 -4.67
C SER A 34 15.97 -7.24 -5.50
N PRO A 35 16.20 -7.05 -6.82
CA PRO A 35 15.15 -6.49 -7.64
C PRO A 35 13.87 -7.35 -7.64
N ALA A 36 14.04 -8.67 -7.67
CA ALA A 36 12.88 -9.53 -7.71
C ALA A 36 11.97 -9.37 -6.50
N LEU A 37 12.56 -9.08 -5.34
CA LEU A 37 11.79 -8.92 -4.12
C LEU A 37 11.55 -7.45 -3.73
N ASN A 38 12.11 -6.52 -4.51
CA ASN A 38 12.23 -5.11 -4.10
C ASN A 38 12.63 -5.00 -2.63
N LYS A 39 13.76 -5.61 -2.31
CA LYS A 39 14.17 -5.77 -0.92
C LYS A 39 15.67 -5.67 -0.74
N LEU A 40 16.07 -4.75 0.13
CA LEU A 40 17.44 -4.56 0.54
C LEU A 40 17.76 -5.44 1.75
N PHE A 41 18.88 -6.15 1.68
CA PHE A 41 19.33 -6.96 2.80
C PHE A 41 20.66 -6.40 3.26
N CYS A 42 20.78 -6.11 4.55
CA CYS A 42 22.03 -5.51 5.05
C CYS A 42 22.41 -5.92 6.47
N GLN A 43 23.70 -5.82 6.76
CA GLN A 43 24.18 -6.05 8.11
C GLN A 43 23.91 -4.83 8.96
N LEU A 44 23.94 -5.03 10.28
CA LEU A 44 23.67 -3.97 11.23
C LEU A 44 24.67 -2.83 11.10
N ALA A 45 24.15 -1.62 10.90
CA ALA A 45 24.96 -0.40 10.93
C ALA A 45 25.98 -0.28 9.80
N LYS A 46 25.85 -1.11 8.77
CA LYS A 46 26.76 -1.03 7.63
C LYS A 46 26.23 -0.08 6.57
N THR A 47 27.15 0.43 5.77
CA THR A 47 26.85 1.37 4.70
C THR A 47 25.93 0.76 3.64
N CYS A 48 24.81 1.42 3.36
CA CYS A 48 23.88 0.99 2.32
C CYS A 48 23.76 2.10 1.29
N PRO A 49 24.43 1.95 0.16
CA PRO A 49 24.34 2.95 -0.91
C PRO A 49 22.99 2.88 -1.59
N VAL A 50 22.31 4.02 -1.65
CA VAL A 50 21.05 4.11 -2.37
C VAL A 50 21.18 5.25 -3.39
N GLN A 51 20.91 4.96 -4.65
CA GLN A 51 21.02 5.96 -5.72
C GLN A 51 19.73 6.72 -5.94
N LEU A 52 19.86 8.01 -6.24
CA LEU A 52 18.72 8.85 -6.59
C LEU A 52 18.86 9.22 -8.05
N TRP A 53 17.83 8.92 -8.83
CA TRP A 53 17.80 9.23 -10.25
C TRP A 53 16.67 10.19 -10.58
N VAL A 54 16.94 11.16 -11.45
CA VAL A 54 15.89 12.06 -11.96
C VAL A 54 16.03 12.29 -13.45
N ASP A 55 14.92 12.65 -14.09
CA ASP A 55 14.96 13.02 -15.51
C ASP A 55 15.28 14.49 -15.70
N SER A 56 15.01 15.31 -14.67
CA SER A 56 15.34 16.73 -14.75
C SER A 56 15.66 17.27 -13.37
N THR A 57 16.41 18.35 -13.33
CA THR A 57 16.91 18.91 -12.10
C THR A 57 15.80 19.54 -11.26
N PRO A 58 15.62 19.07 -10.02
CA PRO A 58 14.65 19.71 -9.12
C PRO A 58 15.18 21.05 -8.60
N PRO A 59 14.27 21.90 -8.13
CA PRO A 59 14.71 23.21 -7.65
C PRO A 59 15.71 23.14 -6.50
N PRO A 60 16.56 24.16 -6.35
CA PRO A 60 17.40 24.26 -5.15
C PRO A 60 16.51 24.31 -3.91
N GLY A 61 16.86 23.57 -2.86
CA GLY A 61 16.02 23.52 -1.68
C GLY A 61 15.18 22.27 -1.60
N THR A 62 15.15 21.51 -2.70
CA THR A 62 14.52 20.18 -2.70
C THR A 62 15.28 19.32 -1.71
N ARG A 63 14.56 18.42 -1.03
CA ARG A 63 15.16 17.56 -0.01
C ARG A 63 14.73 16.12 -0.22
N VAL A 64 15.42 15.21 0.45
CA VAL A 64 15.19 13.78 0.28
C VAL A 64 15.03 13.19 1.67
N ARG A 65 13.87 12.61 1.96
CA ARG A 65 13.56 12.09 3.29
C ARG A 65 13.42 10.57 3.27
N ALA A 66 13.93 9.92 4.32
CA ALA A 66 13.76 8.49 4.50
C ALA A 66 12.99 8.21 5.80
N MET A 67 12.04 7.29 5.71
CA MET A 67 11.23 6.89 6.86
C MET A 67 10.96 5.38 6.77
N ALA A 68 10.91 4.70 7.92
CA ALA A 68 10.54 3.29 7.93
C ALA A 68 9.11 3.06 8.44
N ILE A 69 8.41 2.11 7.84
CA ILE A 69 7.12 1.65 8.37
C ILE A 69 7.08 0.12 8.33
N TYR A 70 6.27 -0.48 9.21
CA TYR A 70 6.04 -1.91 9.12
C TYR A 70 5.25 -2.27 7.86
N LYS A 71 5.66 -3.36 7.21
CA LYS A 71 5.04 -3.75 5.95
C LYS A 71 3.67 -4.38 6.13
N GLN A 72 3.53 -5.23 7.14
CA GLN A 72 2.29 -5.99 7.35
C GLN A 72 1.14 -5.10 7.81
N SER A 73 -0.03 -5.31 7.21
CA SER A 73 -1.21 -4.52 7.52
C SER A 73 -1.45 -4.38 9.02
N GLN A 74 -1.30 -5.48 9.76
CA GLN A 74 -1.63 -5.47 11.19
C GLN A 74 -0.59 -4.74 12.04
N HIS A 75 0.54 -4.38 11.44
CA HIS A 75 1.57 -3.64 12.18
C HIS A 75 1.84 -2.23 11.64
N MET A 76 1.30 -1.91 10.47
CA MET A 76 1.62 -0.65 9.82
C MET A 76 1.45 0.59 10.69
N THR A 77 0.53 0.56 11.65
CA THR A 77 0.25 1.74 12.46
C THR A 77 1.22 1.93 13.61
N GLU A 78 2.11 0.97 13.83
CA GLU A 78 3.08 1.10 14.91
C GLU A 78 4.37 1.78 14.44
N VAL A 79 4.84 2.75 15.20
CA VAL A 79 6.08 3.46 14.89
C VAL A 79 7.27 2.52 14.89
N VAL A 80 8.06 2.57 13.82
CA VAL A 80 9.30 1.82 13.71
C VAL A 80 10.41 2.56 14.48
N ARG A 81 10.98 1.89 15.48
CA ARG A 81 12.03 2.50 16.27
C ARG A 81 13.06 1.45 16.70
N ARG A 82 14.21 1.92 17.18
CA ARG A 82 15.21 1.00 17.71
C ARG A 82 14.73 0.36 18.99
N CYS A 83 15.23 -0.84 19.25
CA CYS A 83 14.83 -1.65 20.40
C CYS A 83 15.40 -1.10 21.70
N PRO A 84 14.93 -1.65 22.85
CA PRO A 84 15.34 -1.08 24.13
C PRO A 84 16.85 -1.20 24.44
N HIS A 85 17.51 -2.16 23.82
CA HIS A 85 18.95 -2.28 23.96
C HIS A 85 19.69 -1.26 23.09
N HIS A 86 19.37 -1.26 21.79
CA HIS A 86 20.14 -0.42 20.86
C HIS A 86 19.95 1.07 21.06
N GLU A 87 18.78 1.49 21.51
CA GLU A 87 18.57 2.91 21.78
C GLU A 87 19.45 3.40 22.93
N ARG A 88 20.02 2.46 23.70
CA ARG A 88 20.86 2.81 24.86
C ARG A 88 22.33 2.46 24.72
N CYS A 89 22.79 2.12 23.53
N CYS A 89 22.77 2.15 23.50
CA CYS A 89 24.17 1.65 23.41
CA CYS A 89 24.13 1.67 23.27
C CYS A 89 25.18 2.76 23.10
C CYS A 89 25.19 2.77 23.22
N SER A 90 24.75 4.01 23.24
CA SER A 90 25.66 5.14 23.14
C SER A 90 26.49 5.08 21.86
N ASP A 91 25.84 4.82 20.74
CA ASP A 91 26.54 4.72 19.47
C ASP A 91 26.15 5.86 18.55
N SER A 92 25.77 6.99 19.14
CA SER A 92 25.37 8.15 18.36
C SER A 92 26.55 8.72 17.59
N ASP A 93 26.25 9.32 16.45
CA ASP A 93 27.29 9.98 15.66
C ASP A 93 27.32 11.48 15.98
N GLY A 94 26.52 11.88 16.95
CA GLY A 94 26.43 13.28 17.35
C GLY A 94 25.25 14.00 16.74
N LEU A 95 24.62 13.38 15.75
CA LEU A 95 23.54 14.00 15.01
C LEU A 95 22.24 13.21 15.13
N ALA A 96 22.32 11.90 14.85
CA ALA A 96 21.16 11.04 14.94
C ALA A 96 20.70 10.81 16.38
N PRO A 97 19.41 11.04 16.66
CA PRO A 97 18.90 10.62 17.97
C PRO A 97 19.10 9.12 18.10
N PRO A 98 19.43 8.63 19.31
CA PRO A 98 19.72 7.19 19.43
C PRO A 98 18.50 6.29 19.25
N GLN A 99 17.30 6.86 19.21
CA GLN A 99 16.08 6.09 18.97
C GLN A 99 15.85 5.76 17.49
N HIS A 100 16.51 6.51 16.60
CA HIS A 100 16.18 6.40 15.17
C HIS A 100 16.80 5.18 14.49
N LEU A 101 15.96 4.40 13.82
CA LEU A 101 16.46 3.24 13.06
C LEU A 101 17.34 3.67 11.89
N ILE A 102 16.89 4.66 11.10
CA ILE A 102 17.60 5.05 9.89
C ILE A 102 18.49 6.27 10.09
N ARG A 103 19.77 6.12 9.78
CA ARG A 103 20.70 7.24 9.74
C ARG A 103 21.20 7.49 8.33
N VAL A 104 21.57 8.74 8.06
CA VAL A 104 22.39 9.03 6.90
C VAL A 104 23.84 9.18 7.34
N GLU A 105 24.72 8.44 6.67
CA GLU A 105 26.13 8.43 6.99
C GLU A 105 26.88 9.51 6.21
N GLY A 106 27.76 10.25 6.89
CA GLY A 106 28.66 11.17 6.24
C GLY A 106 28.04 12.35 5.52
N ASN A 107 26.95 12.88 6.07
CA ASN A 107 26.35 14.11 5.54
C ASN A 107 26.07 15.06 6.69
N LEU A 108 26.88 16.10 6.80
CA LEU A 108 26.73 17.07 7.88
C LEU A 108 25.43 17.88 7.82
N ARG A 109 24.75 17.85 6.68
CA ARG A 109 23.48 18.56 6.55
C ARG A 109 22.25 17.67 6.80
N ALA A 110 22.47 16.43 7.24
CA ALA A 110 21.35 15.57 7.60
C ALA A 110 20.57 16.16 8.77
N GLU A 111 19.25 16.07 8.70
CA GLU A 111 18.41 16.49 9.81
C GLU A 111 17.51 15.36 10.22
N TYR A 112 17.27 15.23 11.54
CA TYR A 112 16.46 14.17 12.09
C TYR A 112 15.16 14.69 12.68
N LEU A 113 14.04 14.13 12.25
CA LEU A 113 12.73 14.61 12.69
C LEU A 113 11.97 13.59 13.54
N ASP A 114 11.42 14.06 14.65
CA ASP A 114 10.39 13.31 15.37
C ASP A 114 9.05 14.00 15.10
N ASP A 115 8.18 13.37 14.33
CA ASP A 115 6.93 14.02 13.92
C ASP A 115 6.04 14.29 15.14
N ARG A 116 5.63 15.54 15.29
CA ARG A 116 4.87 15.98 16.47
C ARG A 116 3.46 15.39 16.54
N ASN A 117 3.00 14.81 15.44
CA ASN A 117 1.65 14.28 15.39
C ASN A 117 1.58 12.76 15.22
N THR A 118 2.45 12.20 14.37
CA THR A 118 2.45 10.77 14.13
C THR A 118 3.52 10.08 14.95
N PHE A 119 4.44 10.88 15.49
CA PHE A 119 5.56 10.40 16.30
C PHE A 119 6.55 9.55 15.52
N ARG A 120 6.39 9.52 14.20
CA ARG A 120 7.29 8.73 13.38
C ARG A 120 8.63 9.45 13.19
N HIS A 121 9.68 8.68 12.97
CA HIS A 121 11.03 9.22 12.82
C HIS A 121 11.37 9.32 11.34
N SER A 122 12.18 10.31 10.98
CA SER A 122 12.69 10.39 9.61
C SER A 122 14.03 11.11 9.59
N VAL A 123 14.78 10.91 8.51
CA VAL A 123 16.03 11.64 8.29
C VAL A 123 16.00 12.24 6.89
N VAL A 124 16.41 13.50 6.79
CA VAL A 124 16.25 14.24 5.55
C VAL A 124 17.54 14.99 5.21
N VAL A 125 17.90 15.01 3.93
CA VAL A 125 19.09 15.72 3.48
C VAL A 125 18.75 16.55 2.26
N PRO A 126 19.58 17.56 1.95
CA PRO A 126 19.34 18.33 0.73
C PRO A 126 19.56 17.46 -0.51
N CYS A 127 18.75 17.69 -1.54
CA CYS A 127 18.93 17.00 -2.81
C CYS A 127 20.02 17.74 -3.58
N GLU A 128 21.06 17.02 -4.01
CA GLU A 128 22.19 17.65 -4.69
C GLU A 128 22.48 16.94 -6.00
N PRO A 129 23.05 17.67 -6.98
CA PRO A 129 23.43 17.02 -8.25
C PRO A 129 24.57 16.02 -8.05
N PRO A 130 24.74 15.11 -9.01
CA PRO A 130 25.81 14.10 -8.89
C PRO A 130 27.19 14.74 -8.88
N GLU A 131 28.17 14.01 -8.34
CA GLU A 131 29.56 14.41 -8.48
C GLU A 131 29.90 14.50 -9.96
N VAL A 132 30.86 15.36 -10.30
CA VAL A 132 31.23 15.53 -11.69
C VAL A 132 31.66 14.19 -12.27
N GLY A 133 31.05 13.81 -13.38
CA GLY A 133 31.35 12.55 -14.03
C GLY A 133 30.36 11.43 -13.73
N SER A 134 29.47 11.67 -12.76
CA SER A 134 28.46 10.67 -12.40
C SER A 134 27.08 11.06 -12.92
N ASP A 135 26.20 10.07 -13.04
CA ASP A 135 24.86 10.28 -13.59
C ASP A 135 23.76 10.29 -12.53
N CYS A 136 24.12 9.94 -11.31
CA CYS A 136 23.13 9.88 -10.23
C CYS A 136 23.80 10.25 -8.92
N THR A 137 22.97 10.57 -7.93
CA THR A 137 23.48 10.92 -6.61
C THR A 137 23.29 9.74 -5.68
N THR A 138 24.26 9.53 -4.79
CA THR A 138 24.19 8.38 -3.89
C THR A 138 24.11 8.88 -2.44
N ILE A 139 23.13 8.36 -1.70
CA ILE A 139 23.03 8.59 -0.26
C ILE A 139 23.44 7.31 0.45
N HIS A 140 24.22 7.43 1.52
CA HIS A 140 24.61 6.25 2.31
C HIS A 140 23.78 6.18 3.58
N TYR A 141 22.96 5.14 3.68
CA TYR A 141 22.10 4.91 4.84
C TYR A 141 22.66 3.84 5.75
N ASN A 142 22.35 3.94 7.03
CA ASN A 142 22.64 2.89 8.00
C ASN A 142 21.34 2.47 8.67
N TYR A 143 21.18 1.18 8.90
CA TYR A 143 20.06 0.65 9.68
C TYR A 143 20.57 0.13 11.02
N MET A 144 20.02 0.68 12.10
CA MET A 144 20.69 0.54 13.40
C MET A 144 20.12 -0.51 14.37
N CYS A 145 19.23 -1.37 13.88
CA CYS A 145 18.77 -2.53 14.63
C CYS A 145 18.64 -3.68 13.64
N TYR A 146 18.75 -4.90 14.14
CA TYR A 146 18.42 -6.08 13.33
C TYR A 146 16.91 -6.19 13.19
N SER A 147 16.44 -6.77 12.10
CA SER A 147 15.01 -7.06 11.99
C SER A 147 14.51 -7.90 13.16
N SER A 148 15.40 -8.71 13.73
CA SER A 148 15.04 -9.66 14.78
C SER A 148 15.04 -9.04 16.18
N CYS A 149 15.45 -7.78 16.30
CA CYS A 149 15.63 -7.19 17.64
C CYS A 149 14.40 -7.28 18.52
N MET A 150 14.53 -7.96 19.64
CA MET A 150 13.46 -8.06 20.63
C MET A 150 13.08 -6.69 21.20
N GLY A 151 11.79 -6.42 21.25
CA GLY A 151 11.30 -5.17 21.79
C GLY A 151 11.38 -4.04 20.77
N GLY A 152 11.83 -4.37 19.56
CA GLY A 152 11.86 -3.42 18.47
C GLY A 152 11.13 -4.02 17.29
N MET A 153 11.80 -4.15 16.15
CA MET A 153 11.16 -4.73 14.98
C MET A 153 10.67 -6.17 15.22
N ASN A 154 11.37 -6.89 16.10
CA ASN A 154 10.94 -8.22 16.53
C ASN A 154 10.48 -9.15 15.40
N ARG A 155 11.28 -9.20 14.34
CA ARG A 155 11.09 -10.10 13.21
C ARG A 155 10.03 -9.64 12.19
N ARG A 156 9.48 -8.45 12.41
CA ARG A 156 8.50 -7.89 11.48
C ARG A 156 9.17 -7.15 10.33
N PRO A 157 8.80 -7.47 9.08
CA PRO A 157 9.39 -6.80 7.92
CA PRO A 157 9.39 -6.79 7.92
C PRO A 157 9.03 -5.31 7.86
N ILE A 158 9.98 -4.49 7.42
CA ILE A 158 9.73 -3.07 7.26
C ILE A 158 9.95 -2.64 5.82
N LEU A 159 9.41 -1.46 5.53
CA LEU A 159 9.63 -0.79 4.27
CA LEU A 159 9.60 -0.79 4.26
C LEU A 159 10.32 0.53 4.56
N THR A 160 11.25 0.92 3.71
CA THR A 160 11.79 2.27 3.76
C THR A 160 11.07 3.04 2.64
N ILE A 161 10.52 4.20 3.00
CA ILE A 161 9.87 5.07 2.02
C ILE A 161 10.79 6.27 1.83
N ILE A 162 11.19 6.53 0.59
CA ILE A 162 12.03 7.68 0.28
C ILE A 162 11.19 8.70 -0.49
N THR A 163 11.13 9.91 0.04
CA THR A 163 10.33 10.96 -0.59
C THR A 163 11.20 12.12 -1.02
N LEU A 164 10.87 12.65 -2.19
CA LEU A 164 11.46 13.88 -2.67
C LEU A 164 10.49 15.00 -2.28
N GLU A 165 11.00 16.04 -1.63
CA GLU A 165 10.14 17.08 -1.08
C GLU A 165 10.62 18.44 -1.49
N ASP A 166 9.70 19.41 -1.61
CA ASP A 166 10.14 20.80 -1.78
C ASP A 166 10.56 21.40 -0.45
N SER A 167 10.91 22.68 -0.44
CA SER A 167 11.49 23.27 0.75
C SER A 167 10.46 23.40 1.89
N SER A 168 9.18 23.35 1.55
CA SER A 168 8.08 23.36 2.53
C SER A 168 7.74 21.98 3.05
N GLY A 169 8.30 20.96 2.43
CA GLY A 169 7.96 19.59 2.77
C GLY A 169 6.86 18.98 1.91
N ASN A 170 6.42 19.68 0.88
CA ASN A 170 5.42 19.14 -0.03
C ASN A 170 5.98 18.03 -0.93
N LEU A 171 5.13 17.04 -1.22
CA LEU A 171 5.52 15.87 -2.00
C LEU A 171 5.89 16.20 -3.45
N LEU A 172 7.09 15.78 -3.87
CA LEU A 172 7.47 15.85 -5.29
C LEU A 172 7.65 14.49 -5.92
N GLY A 173 7.92 13.47 -5.11
CA GLY A 173 8.18 12.15 -5.63
C GLY A 173 8.30 11.14 -4.50
N ARG A 174 8.12 9.87 -4.82
CA ARG A 174 8.18 8.83 -3.80
C ARG A 174 8.57 7.49 -4.39
N ASP A 175 9.39 6.75 -3.64
CA ASP A 175 9.76 5.39 -4.01
C ASP A 175 9.93 4.62 -2.70
N SER A 176 10.05 3.31 -2.79
CA SER A 176 10.14 2.51 -1.55
C SER A 176 10.73 1.13 -1.83
N PHE A 177 11.21 0.53 -0.75
CA PHE A 177 11.78 -0.82 -0.79
C PHE A 177 11.68 -1.49 0.58
N GLU A 178 11.54 -2.81 0.59
CA GLU A 178 11.55 -3.55 1.85
C GLU A 178 12.99 -3.67 2.34
N VAL A 179 13.18 -3.82 3.65
CA VAL A 179 14.50 -3.98 4.23
C VAL A 179 14.51 -5.11 5.23
N ARG A 180 15.52 -5.98 5.13
CA ARG A 180 15.84 -6.91 6.20
C ARG A 180 17.24 -6.61 6.69
N VAL A 181 17.37 -6.36 8.00
CA VAL A 181 18.68 -6.16 8.60
C VAL A 181 19.04 -7.46 9.28
N CYS A 182 20.13 -8.09 8.84
CA CYS A 182 20.43 -9.45 9.29
C CYS A 182 21.94 -9.73 9.27
N ALA A 183 22.34 -10.85 9.85
CA ALA A 183 23.77 -11.17 9.93
C ALA A 183 24.40 -11.60 8.60
N CYS A 184 23.63 -12.27 7.76
CA CYS A 184 24.16 -12.79 6.50
C CYS A 184 23.23 -12.42 5.34
N PRO A 185 23.30 -11.16 4.87
CA PRO A 185 22.42 -10.69 3.80
C PRO A 185 22.53 -11.51 2.52
N GLY A 186 23.73 -11.96 2.17
CA GLY A 186 23.93 -12.79 1.00
C GLY A 186 23.12 -14.08 1.01
N ARG A 187 23.22 -14.81 2.12
CA ARG A 187 22.47 -16.04 2.28
C ARG A 187 20.96 -15.80 2.33
N ASP A 188 20.55 -14.78 3.08
CA ASP A 188 19.13 -14.52 3.19
C ASP A 188 18.49 -14.08 1.86
N ARG A 189 19.21 -13.28 1.07
CA ARG A 189 18.70 -12.92 -0.25
C ARG A 189 18.59 -14.15 -1.15
N ARG A 190 19.58 -15.04 -1.05
CA ARG A 190 19.49 -16.25 -1.86
C ARG A 190 18.28 -17.09 -1.45
N THR A 191 18.08 -17.22 -0.14
CA THR A 191 16.98 -18.01 0.40
C THR A 191 15.63 -17.45 -0.01
N GLU A 192 15.42 -16.15 0.19
CA GLU A 192 14.14 -15.53 -0.12
C GLU A 192 13.84 -15.52 -1.62
N GLU A 193 14.87 -15.37 -2.45
CA GLU A 193 14.69 -15.42 -3.90
C GLU A 193 14.31 -16.84 -4.35
N GLU A 194 14.80 -17.85 -3.63
CA GLU A 194 14.48 -19.23 -3.97
C GLU A 194 13.06 -19.57 -3.54
N ASN A 195 12.65 -19.06 -2.38
CA ASN A 195 11.29 -19.23 -1.92
C ASN A 195 10.29 -18.57 -2.88
N LEU A 196 10.69 -17.45 -3.47
CA LEU A 196 9.84 -16.75 -4.41
C LEU A 196 9.69 -17.56 -5.69
N ARG A 197 10.78 -18.20 -6.10
CA ARG A 197 10.79 -19.00 -7.32
C ARG A 197 9.89 -20.23 -7.15
N LYS A 198 9.63 -20.61 -5.91
CA LYS A 198 8.72 -21.70 -5.63
C LYS A 198 7.30 -21.17 -5.47
N SER B 1 -31.92 -2.57 11.15
CA SER B 1 -32.02 -2.82 9.70
C SER B 1 -32.09 -1.50 8.92
N SER B 2 -31.58 -1.52 7.70
CA SER B 2 -31.56 -0.32 6.87
C SER B 2 -32.18 -0.60 5.50
N SER B 3 -32.50 0.46 4.78
CA SER B 3 -32.95 0.34 3.40
C SER B 3 -31.85 -0.32 2.57
N VAL B 4 -32.23 -0.91 1.43
CA VAL B 4 -31.29 -1.65 0.62
C VAL B 4 -30.97 -0.92 -0.67
N PRO B 5 -29.70 -0.57 -0.86
CA PRO B 5 -29.25 0.11 -2.07
C PRO B 5 -29.53 -0.77 -3.28
N SER B 6 -29.88 -0.14 -4.39
CA SER B 6 -30.08 -0.87 -5.63
C SER B 6 -28.80 -1.55 -6.11
N GLN B 7 -28.95 -2.76 -6.65
CA GLN B 7 -27.82 -3.42 -7.29
C GLN B 7 -28.08 -3.58 -8.78
N LYS B 8 -29.08 -2.87 -9.30
CA LYS B 8 -29.47 -3.00 -10.70
C LYS B 8 -28.43 -2.41 -11.66
N THR B 9 -27.96 -3.22 -12.60
CA THR B 9 -26.99 -2.74 -13.56
C THR B 9 -27.59 -1.61 -14.40
N TYR B 10 -26.84 -0.50 -14.50
CA TYR B 10 -27.32 0.68 -15.19
C TYR B 10 -26.15 1.41 -15.82
N GLN B 11 -26.00 1.35 -17.14
CA GLN B 11 -24.87 2.01 -17.78
C GLN B 11 -24.96 3.53 -17.80
N GLY B 12 -26.18 4.06 -17.89
CA GLY B 12 -26.36 5.49 -17.91
C GLY B 12 -25.85 6.19 -19.16
N SER B 13 -25.82 7.51 -19.11
CA SER B 13 -25.48 8.34 -20.25
C SER B 13 -24.08 8.10 -20.77
N TYR B 14 -23.17 7.68 -19.89
CA TYR B 14 -21.76 7.58 -20.23
C TYR B 14 -21.32 6.14 -20.57
N GLY B 15 -22.27 5.20 -20.53
CA GLY B 15 -21.96 3.81 -20.84
C GLY B 15 -20.96 3.23 -19.86
N PHE B 16 -21.23 3.44 -18.58
CA PHE B 16 -20.34 3.00 -17.50
C PHE B 16 -20.48 1.52 -17.23
N ARG B 17 -19.36 0.82 -17.12
CA ARG B 17 -19.35 -0.58 -16.70
C ARG B 17 -17.96 -0.97 -16.21
N LEU B 18 -17.89 -2.07 -15.47
CA LEU B 18 -16.64 -2.53 -14.88
C LEU B 18 -15.88 -3.50 -15.76
N GLY B 19 -14.62 -3.71 -15.41
CA GLY B 19 -13.81 -4.73 -16.04
C GLY B 19 -12.83 -5.30 -15.03
N PHE B 20 -12.30 -6.48 -15.32
CA PHE B 20 -11.40 -7.17 -14.43
C PHE B 20 -10.25 -7.78 -15.24
N LEU B 21 -9.07 -7.84 -14.64
CA LEU B 21 -7.92 -8.52 -15.23
C LEU B 21 -8.22 -10.01 -15.38
N HIS B 22 -7.44 -10.67 -16.23
CA HIS B 22 -7.52 -12.12 -16.34
C HIS B 22 -6.31 -12.74 -15.65
N SER B 23 -6.45 -12.98 -14.35
CA SER B 23 -5.34 -13.35 -13.50
C SER B 23 -5.12 -14.85 -13.37
N GLY B 24 -6.06 -15.64 -13.89
CA GLY B 24 -5.93 -17.09 -13.83
C GLY B 24 -6.22 -17.66 -12.45
N THR B 25 -5.96 -18.96 -12.29
CA THR B 25 -6.39 -19.66 -11.07
C THR B 25 -5.26 -20.41 -10.37
N ALA B 26 -4.02 -20.00 -10.61
CA ALA B 26 -2.88 -20.59 -9.91
C ALA B 26 -3.02 -20.43 -8.39
N LYS B 27 -2.42 -21.35 -7.65
CA LYS B 27 -2.54 -21.36 -6.20
C LYS B 27 -2.04 -20.07 -5.56
N SER B 28 -1.04 -19.45 -6.19
CA SER B 28 -0.39 -18.26 -5.64
C SER B 28 -1.18 -16.98 -5.89
N VAL B 29 -2.20 -17.05 -6.75
CA VAL B 29 -2.91 -15.85 -7.17
C VAL B 29 -3.61 -15.13 -6.00
N THR B 30 -3.44 -13.82 -5.92
CA THR B 30 -3.97 -13.06 -4.79
C THR B 30 -5.36 -12.50 -5.05
N CYS B 31 -5.74 -12.40 -6.31
CA CYS B 31 -7.03 -11.85 -6.69
C CYS B 31 -7.37 -12.37 -8.06
N THR B 32 -8.58 -12.90 -8.22
CA THR B 32 -8.98 -13.43 -9.51
C THR B 32 -10.49 -13.31 -9.71
N TYR B 33 -10.88 -12.96 -10.92
CA TYR B 33 -12.29 -12.71 -11.23
C TYR B 33 -12.87 -13.79 -12.13
N SER B 34 -14.06 -14.27 -11.76
CA SER B 34 -14.81 -15.24 -12.53
C SER B 34 -15.97 -14.60 -13.30
N PRO B 35 -15.83 -14.48 -14.61
CA PRO B 35 -16.92 -13.98 -15.45
C PRO B 35 -18.18 -14.87 -15.34
N ALA B 36 -18.00 -16.18 -15.27
CA ALA B 36 -19.15 -17.07 -15.23
C ALA B 36 -19.98 -16.87 -13.96
N LEU B 37 -19.32 -16.53 -12.86
CA LEU B 37 -20.00 -16.34 -11.58
C LEU B 37 -20.24 -14.87 -11.25
N ASN B 38 -19.72 -13.98 -12.09
CA ASN B 38 -19.60 -12.55 -11.75
C ASN B 38 -19.13 -12.37 -10.32
N LYS B 39 -18.00 -13.00 -10.00
CA LYS B 39 -17.51 -13.06 -8.64
C LYS B 39 -16.01 -12.85 -8.60
N LEU B 40 -15.58 -11.95 -7.73
CA LEU B 40 -14.18 -11.71 -7.45
C LEU B 40 -13.78 -12.52 -6.22
N PHE B 41 -12.64 -13.20 -6.33
CA PHE B 41 -12.05 -13.94 -5.20
C PHE B 41 -10.72 -13.29 -4.86
N CYS B 42 -10.49 -12.97 -3.59
CA CYS B 42 -9.30 -12.23 -3.23
C CYS B 42 -8.86 -12.58 -1.82
N GLN B 43 -7.58 -12.37 -1.57
CA GLN B 43 -7.03 -12.59 -0.24
C GLN B 43 -7.26 -11.38 0.64
N LEU B 44 -7.17 -11.58 1.95
CA LEU B 44 -7.38 -10.51 2.91
C LEU B 44 -6.40 -9.35 2.73
N ALA B 45 -6.93 -8.13 2.60
CA ALA B 45 -6.11 -6.92 2.55
C ALA B 45 -5.13 -6.89 1.36
N LYS B 46 -5.44 -7.61 0.30
CA LYS B 46 -4.59 -7.65 -0.89
C LYS B 46 -5.20 -6.78 -1.99
N THR B 47 -4.35 -6.35 -2.91
CA THR B 47 -4.78 -5.49 -4.01
C THR B 47 -5.80 -6.15 -4.93
N CYS B 48 -6.93 -5.47 -5.13
CA CYS B 48 -7.96 -5.92 -6.07
C CYS B 48 -8.17 -4.86 -7.15
N PRO B 49 -7.58 -5.10 -8.33
CA PRO B 49 -7.75 -4.13 -9.41
C PRO B 49 -9.14 -4.23 -10.01
N VAL B 50 -9.83 -3.10 -10.08
CA VAL B 50 -11.15 -3.03 -10.71
C VAL B 50 -11.10 -1.94 -11.77
N GLN B 51 -11.42 -2.30 -13.00
CA GLN B 51 -11.39 -1.37 -14.11
C GLN B 51 -12.70 -0.64 -14.28
N LEU B 52 -12.62 0.64 -14.66
CA LEU B 52 -13.79 1.44 -14.99
C LEU B 52 -13.72 1.74 -16.49
N TRP B 53 -14.79 1.41 -17.21
CA TRP B 53 -14.89 1.69 -18.64
C TRP B 53 -16.08 2.60 -18.92
N VAL B 54 -15.87 3.56 -19.82
CA VAL B 54 -16.97 4.39 -20.31
C VAL B 54 -16.93 4.53 -21.84
N ASP B 55 -18.07 4.85 -22.44
CA ASP B 55 -18.14 5.18 -23.86
C ASP B 55 -17.85 6.65 -24.11
N SER B 56 -18.07 7.49 -23.10
CA SER B 56 -17.73 8.90 -23.21
C SER B 56 -17.30 9.47 -21.86
N THR B 57 -16.51 10.54 -21.92
CA THR B 57 -15.94 11.19 -20.74
C THR B 57 -17.00 11.84 -19.85
N PRO B 58 -17.05 11.41 -18.58
CA PRO B 58 -17.97 12.14 -17.68
C PRO B 58 -17.35 13.46 -17.22
N PRO B 59 -18.20 14.36 -16.70
CA PRO B 59 -17.68 15.69 -16.32
C PRO B 59 -16.65 15.62 -15.20
N PRO B 60 -15.72 16.58 -15.16
CA PRO B 60 -14.79 16.69 -14.02
C PRO B 60 -15.59 16.85 -12.72
N GLY B 61 -15.20 16.14 -11.66
CA GLY B 61 -15.94 16.15 -10.42
C GLY B 61 -16.82 14.92 -10.27
N THR B 62 -16.96 14.15 -11.34
CA THR B 62 -17.61 12.85 -11.24
C THR B 62 -16.81 12.00 -10.27
N ARG B 63 -17.48 11.15 -9.49
CA ARG B 63 -16.81 10.29 -8.52
C ARG B 63 -17.27 8.83 -8.69
N VAL B 64 -16.55 7.93 -8.03
CA VAL B 64 -16.80 6.49 -8.13
C VAL B 64 -16.86 5.95 -6.71
N ARG B 65 -18.01 5.37 -6.34
CA ARG B 65 -18.24 4.90 -4.98
C ARG B 65 -18.39 3.38 -4.94
N ALA B 66 -17.85 2.78 -3.89
CA ALA B 66 -17.97 1.34 -3.63
C ALA B 66 -18.67 1.10 -2.31
N MET B 67 -19.61 0.14 -2.31
CA MET B 67 -20.36 -0.23 -1.12
C MET B 67 -20.65 -1.72 -1.14
N ALA B 68 -20.58 -2.38 0.01
CA ALA B 68 -20.92 -3.79 0.07
C ALA B 68 -22.34 -3.97 0.62
N ILE B 69 -23.05 -4.99 0.10
CA ILE B 69 -24.31 -5.44 0.70
C ILE B 69 -24.32 -6.96 0.75
N TYR B 70 -25.10 -7.54 1.65
CA TYR B 70 -25.28 -8.99 1.65
C TYR B 70 -26.15 -9.40 0.47
N LYS B 71 -25.79 -10.52 -0.15
CA LYS B 71 -26.47 -11.04 -1.34
C LYS B 71 -27.83 -11.68 -1.04
N GLN B 72 -27.90 -12.46 0.03
CA GLN B 72 -29.11 -13.21 0.38
C GLN B 72 -30.24 -12.34 0.92
N SER B 73 -31.46 -12.69 0.55
CA SER B 73 -32.65 -11.96 0.96
C SER B 73 -32.69 -11.63 2.44
N GLN B 74 -32.42 -12.61 3.29
CA GLN B 74 -32.62 -12.42 4.73
C GLN B 74 -31.53 -11.58 5.36
N HIS B 75 -30.47 -11.29 4.61
CA HIS B 75 -29.35 -10.52 5.16
C HIS B 75 -29.13 -9.15 4.52
N MET B 76 -29.80 -8.88 3.41
CA MET B 76 -29.53 -7.67 2.65
CA MET B 76 -29.51 -7.67 2.67
C MET B 76 -29.81 -6.37 3.43
N THR B 77 -30.70 -6.41 4.40
CA THR B 77 -30.99 -5.18 5.17
C THR B 77 -29.96 -4.92 6.29
N GLU B 78 -29.05 -5.85 6.50
CA GLU B 78 -28.02 -5.69 7.53
C GLU B 78 -26.80 -4.98 6.97
N VAL B 79 -26.27 -3.99 7.69
CA VAL B 79 -25.06 -3.30 7.25
C VAL B 79 -23.88 -4.28 7.22
N VAL B 80 -23.16 -4.31 6.10
CA VAL B 80 -21.93 -5.11 6.01
C VAL B 80 -20.80 -4.36 6.67
N ARG B 81 -20.14 -4.99 7.65
CA ARG B 81 -19.09 -4.32 8.39
C ARG B 81 -18.01 -5.32 8.75
N ARG B 82 -16.90 -4.81 9.27
CA ARG B 82 -15.84 -5.71 9.71
C ARG B 82 -16.26 -6.37 11.02
N CYS B 83 -15.65 -7.53 11.27
CA CYS B 83 -15.99 -8.36 12.41
C CYS B 83 -15.44 -7.74 13.69
N PRO B 84 -15.86 -8.29 14.85
CA PRO B 84 -15.46 -7.75 16.15
C PRO B 84 -13.96 -7.81 16.38
N HIS B 85 -13.27 -8.77 15.75
CA HIS B 85 -11.82 -8.84 15.86
C HIS B 85 -11.13 -7.76 15.02
N HIS B 86 -11.42 -7.75 13.73
CA HIS B 86 -10.73 -6.81 12.85
C HIS B 86 -11.06 -5.34 13.11
N GLU B 87 -12.29 -5.02 13.50
CA GLU B 87 -12.58 -3.63 13.82
C GLU B 87 -11.73 -3.13 15.01
N ARG B 88 -11.19 -4.06 15.79
CA ARG B 88 -10.39 -3.71 16.98
C ARG B 88 -8.88 -3.95 16.84
N CYS B 89 -8.40 -4.17 15.63
N CYS B 89 -8.43 -4.16 15.61
CA CYS B 89 -6.99 -4.49 15.50
CA CYS B 89 -7.03 -4.50 15.34
C CYS B 89 -6.09 -3.29 15.18
C CYS B 89 -6.09 -3.29 15.23
N SER B 90 -6.65 -2.09 15.26
CA SER B 90 -5.86 -0.85 15.11
C SER B 90 -5.05 -0.83 13.82
N ASP B 91 -5.72 -1.04 12.69
CA ASP B 91 -5.01 -1.11 11.43
C ASP B 91 -5.50 -0.09 10.41
N SER B 92 -6.14 0.98 10.87
CA SER B 92 -6.56 2.04 9.94
C SER B 92 -5.34 2.68 9.28
N ASP B 93 -5.46 3.03 8.01
CA ASP B 93 -4.41 3.78 7.33
C ASP B 93 -4.43 5.26 7.72
N GLY B 94 -5.41 5.65 8.52
CA GLY B 94 -5.56 7.04 8.89
C GLY B 94 -6.76 7.67 8.19
N LEU B 95 -7.24 7.01 7.14
CA LEU B 95 -8.40 7.50 6.40
C LEU B 95 -9.62 6.59 6.64
N ALA B 96 -9.41 5.29 6.49
CA ALA B 96 -10.52 4.33 6.66
C ALA B 96 -10.91 4.12 8.12
N PRO B 97 -12.20 4.34 8.45
CA PRO B 97 -12.61 3.91 9.79
C PRO B 97 -12.35 2.42 9.92
N PRO B 98 -11.99 1.97 11.14
CA PRO B 98 -11.64 0.55 11.30
C PRO B 98 -12.82 -0.39 11.10
N GLN B 99 -14.04 0.14 11.10
CA GLN B 99 -15.21 -0.70 10.86
C GLN B 99 -15.44 -1.02 9.38
N HIS B 100 -14.83 -0.25 8.49
CA HIS B 100 -15.13 -0.37 7.05
C HIS B 100 -14.45 -1.57 6.38
N LEU B 101 -15.27 -2.39 5.73
CA LEU B 101 -14.76 -3.53 4.97
C LEU B 101 -13.91 -3.15 3.77
N ILE B 102 -14.40 -2.20 2.99
CA ILE B 102 -13.76 -1.87 1.74
C ILE B 102 -12.90 -0.61 1.87
N ARG B 103 -11.63 -0.75 1.48
CA ARG B 103 -10.72 0.38 1.44
C ARG B 103 -10.24 0.61 0.02
N VAL B 104 -9.83 1.83 -0.27
CA VAL B 104 -9.07 2.11 -1.49
C VAL B 104 -7.59 2.24 -1.16
N GLU B 105 -6.78 1.53 -1.95
CA GLU B 105 -5.33 1.51 -1.79
C GLU B 105 -4.70 2.55 -2.72
N GLY B 106 -3.79 3.35 -2.19
CA GLY B 106 -2.98 4.23 -3.02
C GLY B 106 -3.70 5.42 -3.64
N ASN B 107 -4.65 5.99 -2.92
CA ASN B 107 -5.33 7.20 -3.38
C ASN B 107 -5.64 8.12 -2.22
N LEU B 108 -4.86 9.19 -2.09
CA LEU B 108 -5.00 10.11 -0.97
C LEU B 108 -6.32 10.89 -1.00
N ARG B 109 -7.03 10.84 -2.13
CA ARG B 109 -8.30 11.55 -2.26
C ARG B 109 -9.51 10.65 -1.95
N ALA B 110 -9.25 9.45 -1.44
CA ALA B 110 -10.33 8.57 -1.00
C ALA B 110 -11.04 9.12 0.22
N GLU B 111 -12.36 9.12 0.20
CA GLU B 111 -13.18 9.53 1.31
C GLU B 111 -14.09 8.39 1.71
N TYR B 112 -14.30 8.30 3.02
CA TYR B 112 -15.10 7.24 3.62
C TYR B 112 -16.35 7.82 4.24
N LEU B 113 -17.49 7.23 3.91
CA LEU B 113 -18.78 7.71 4.38
C LEU B 113 -19.46 6.71 5.31
N ASP B 114 -19.91 7.19 6.46
CA ASP B 114 -20.85 6.49 7.32
C ASP B 114 -22.17 7.19 7.06
N ASP B 115 -23.10 6.54 6.37
CA ASP B 115 -24.34 7.20 6.00
C ASP B 115 -25.15 7.53 7.25
N ARG B 116 -25.58 8.79 7.36
CA ARG B 116 -26.27 9.26 8.55
C ARG B 116 -27.63 8.60 8.75
N ASN B 117 -28.24 8.15 7.68
CA ASN B 117 -29.56 7.55 7.76
C ASN B 117 -29.57 6.04 7.74
N THR B 118 -28.72 5.44 6.91
CA THR B 118 -28.73 3.99 6.72
C THR B 118 -27.61 3.30 7.48
N PHE B 119 -26.66 4.09 7.93
CA PHE B 119 -25.49 3.58 8.64
C PHE B 119 -24.58 2.71 7.78
N ARG B 120 -24.81 2.69 6.47
CA ARG B 120 -23.96 1.89 5.60
C ARG B 120 -22.65 2.62 5.31
N HIS B 121 -21.62 1.83 5.03
CA HIS B 121 -20.29 2.33 4.75
C HIS B 121 -20.02 2.37 3.26
N SER B 122 -19.25 3.35 2.83
CA SER B 122 -18.78 3.35 1.44
C SER B 122 -17.49 4.13 1.35
N VAL B 123 -16.78 3.92 0.25
CA VAL B 123 -15.56 4.64 -0.03
C VAL B 123 -15.63 5.20 -1.45
N VAL B 124 -15.25 6.46 -1.62
CA VAL B 124 -15.47 7.14 -2.89
C VAL B 124 -14.20 7.89 -3.31
N VAL B 125 -13.91 7.88 -4.61
CA VAL B 125 -12.76 8.59 -5.15
C VAL B 125 -13.17 9.39 -6.39
N PRO B 126 -12.37 10.40 -6.75
CA PRO B 126 -12.63 11.13 -7.99
C PRO B 126 -12.51 10.20 -9.19
N CYS B 127 -13.38 10.38 -10.17
CA CYS B 127 -13.26 9.67 -11.44
C CYS B 127 -12.22 10.39 -12.29
N GLU B 128 -11.20 9.68 -12.73
CA GLU B 128 -10.12 10.28 -13.52
C GLU B 128 -9.94 9.57 -14.85
N PRO B 129 -9.44 10.29 -15.87
CA PRO B 129 -9.18 9.62 -17.14
C PRO B 129 -8.04 8.60 -17.00
N PRO B 130 -7.95 7.65 -17.95
CA PRO B 130 -6.88 6.65 -17.91
C PRO B 130 -5.51 7.31 -18.06
N GLU B 131 -4.47 6.66 -17.54
CA GLU B 131 -3.11 7.11 -17.79
C GLU B 131 -2.86 7.07 -19.29
N VAL B 132 -1.91 7.87 -19.77
CA VAL B 132 -1.61 7.89 -21.19
C VAL B 132 -1.20 6.49 -21.63
N GLY B 133 -1.81 6.01 -22.72
CA GLY B 133 -1.51 4.68 -23.22
C GLY B 133 -2.45 3.61 -22.70
N SER B 134 -3.36 4.00 -21.81
CA SER B 134 -4.34 3.07 -21.24
CA SER B 134 -4.33 3.06 -21.26
C SER B 134 -5.74 3.35 -21.77
N ASP B 135 -6.58 2.32 -21.80
CA ASP B 135 -7.94 2.46 -22.32
C ASP B 135 -8.99 2.53 -21.21
N CYS B 136 -8.57 2.32 -19.96
CA CYS B 136 -9.50 2.39 -18.85
C CYS B 136 -8.77 2.84 -17.59
N THR B 137 -9.56 3.21 -16.59
CA THR B 137 -9.02 3.60 -15.29
C THR B 137 -9.15 2.44 -14.33
N THR B 138 -8.14 2.25 -13.50
CA THR B 138 -8.18 1.17 -12.53
C THR B 138 -8.17 1.73 -11.10
N ILE B 139 -9.07 1.21 -10.26
CA ILE B 139 -9.06 1.50 -8.83
C ILE B 139 -8.56 0.26 -8.11
N HIS B 140 -7.73 0.45 -7.10
CA HIS B 140 -7.26 -0.67 -6.28
C HIS B 140 -8.05 -0.72 -4.97
N TYR B 141 -8.83 -1.78 -4.81
CA TYR B 141 -9.57 -1.98 -3.57
C TYR B 141 -8.89 -3.00 -2.65
N ASN B 142 -9.10 -2.86 -1.34
CA ASN B 142 -8.72 -3.87 -0.36
C ASN B 142 -9.93 -4.28 0.45
N TYR B 143 -10.11 -5.58 0.67
CA TYR B 143 -11.18 -6.07 1.55
C TYR B 143 -10.57 -6.51 2.87
N MET B 144 -11.10 -5.98 3.98
CA MET B 144 -10.41 -6.05 5.28
C MET B 144 -10.90 -7.10 6.28
N CYS B 145 -11.74 -8.01 5.81
CA CYS B 145 -12.15 -9.19 6.57
C CYS B 145 -12.28 -10.35 5.61
N TYR B 146 -12.11 -11.56 6.12
CA TYR B 146 -12.46 -12.75 5.36
C TYR B 146 -13.97 -12.92 5.31
N SER B 147 -14.47 -13.55 4.25
CA SER B 147 -15.88 -13.89 4.19
C SER B 147 -16.30 -14.69 5.41
N SER B 148 -15.35 -15.41 6.00
CA SER B 148 -15.63 -16.33 7.10
C SER B 148 -15.51 -15.70 8.48
N CYS B 149 -15.18 -14.41 8.56
CA CYS B 149 -15.03 -13.75 9.86
C CYS B 149 -16.30 -13.80 10.68
N MET B 150 -16.24 -14.50 11.81
CA MET B 150 -17.44 -14.63 12.61
C MET B 150 -17.76 -13.30 13.30
N GLY B 151 -19.05 -12.96 13.33
CA GLY B 151 -19.47 -11.68 13.87
C GLY B 151 -19.41 -10.56 12.84
N GLY B 152 -18.82 -10.83 11.69
CA GLY B 152 -18.84 -9.90 10.58
C GLY B 152 -19.62 -10.53 9.45
N MET B 153 -18.97 -10.75 8.32
CA MET B 153 -19.65 -11.40 7.21
C MET B 153 -20.17 -12.79 7.59
N ASN B 154 -19.50 -13.47 8.51
CA ASN B 154 -20.10 -14.65 9.13
C ASN B 154 -20.44 -15.71 8.08
N ARG B 155 -19.58 -15.84 7.08
CA ARG B 155 -19.73 -16.82 6.00
C ARG B 155 -20.79 -16.46 4.94
N ARG B 156 -21.41 -15.29 5.07
CA ARG B 156 -22.45 -14.83 4.14
C ARG B 156 -21.84 -14.16 2.91
N PRO B 157 -22.33 -14.52 1.72
CA PRO B 157 -21.81 -13.86 0.51
C PRO B 157 -22.21 -12.39 0.43
N ILE B 158 -21.32 -11.56 -0.13
CA ILE B 158 -21.60 -10.15 -0.35
C ILE B 158 -21.49 -9.78 -1.82
N LEU B 159 -22.08 -8.64 -2.17
CA LEU B 159 -21.84 -8.01 -3.45
C LEU B 159 -21.19 -6.67 -3.20
N THR B 160 -20.31 -6.26 -4.10
CA THR B 160 -19.86 -4.87 -4.11
C THR B 160 -20.62 -4.15 -5.21
N ILE B 161 -21.21 -3.00 -4.88
CA ILE B 161 -21.90 -2.14 -5.84
C ILE B 161 -21.00 -0.94 -6.11
N ILE B 162 -20.69 -0.73 -7.37
CA ILE B 162 -19.88 0.41 -7.80
C ILE B 162 -20.80 1.40 -8.49
N THR B 163 -20.85 2.62 -7.97
CA THR B 163 -21.68 3.65 -8.56
C THR B 163 -20.82 4.79 -9.09
N LEU B 164 -21.16 5.26 -10.29
CA LEU B 164 -20.62 6.49 -10.86
C LEU B 164 -21.61 7.58 -10.47
N GLU B 165 -21.10 8.67 -9.87
CA GLU B 165 -21.94 9.74 -9.31
C GLU B 165 -21.46 11.09 -9.81
N ASP B 166 -22.37 12.06 -9.87
CA ASP B 166 -21.93 13.44 -10.11
C ASP B 166 -21.40 14.04 -8.81
N SER B 167 -20.96 15.29 -8.85
CA SER B 167 -20.33 15.88 -7.67
C SER B 167 -21.29 16.04 -6.48
N SER B 168 -22.60 15.99 -6.70
CA SER B 168 -23.60 16.05 -5.63
C SER B 168 -23.94 14.68 -5.06
N GLY B 169 -23.46 13.63 -5.73
CA GLY B 169 -23.77 12.27 -5.34
C GLY B 169 -24.94 11.65 -6.10
N ASN B 170 -25.45 12.33 -7.12
CA ASN B 170 -26.53 11.78 -7.93
C ASN B 170 -26.02 10.66 -8.80
N LEU B 171 -26.86 9.63 -8.99
CA LEU B 171 -26.45 8.44 -9.74
C LEU B 171 -26.29 8.71 -11.24
N LEU B 172 -25.14 8.30 -11.77
CA LEU B 172 -24.89 8.35 -13.21
C LEU B 172 -24.78 6.96 -13.83
N GLY B 173 -24.33 5.99 -13.04
CA GLY B 173 -24.13 4.64 -13.54
C GLY B 173 -23.97 3.66 -12.39
N ARG B 174 -24.22 2.38 -12.62
CA ARG B 174 -24.14 1.38 -11.56
C ARG B 174 -23.73 0.03 -12.15
N ASP B 175 -22.89 -0.69 -11.41
CA ASP B 175 -22.52 -2.07 -11.77
C ASP B 175 -22.21 -2.78 -10.44
N SER B 176 -22.01 -4.09 -10.49
CA SER B 176 -21.82 -4.83 -9.25
C SER B 176 -21.20 -6.18 -9.52
N PHE B 177 -20.63 -6.77 -8.48
CA PHE B 177 -20.00 -8.10 -8.54
C PHE B 177 -20.01 -8.73 -7.17
N GLU B 178 -20.12 -10.06 -7.13
CA GLU B 178 -20.02 -10.80 -5.86
C GLU B 178 -18.56 -10.84 -5.44
N VAL B 179 -18.30 -10.97 -4.14
CA VAL B 179 -16.94 -11.07 -3.62
C VAL B 179 -16.85 -12.18 -2.60
N ARG B 180 -15.79 -12.98 -2.69
CA ARG B 180 -15.39 -13.88 -1.62
C ARG B 180 -13.96 -13.52 -1.22
N VAL B 181 -13.76 -13.19 0.04
CA VAL B 181 -12.42 -12.93 0.56
C VAL B 181 -11.99 -14.21 1.27
N CYS B 182 -10.90 -14.82 0.79
CA CYS B 182 -10.51 -16.15 1.23
C CYS B 182 -9.00 -16.36 1.16
N ALA B 183 -8.53 -17.48 1.69
CA ALA B 183 -7.11 -17.74 1.75
C ALA B 183 -6.52 -18.15 0.40
N CYS B 184 -7.29 -18.89 -0.38
CA CYS B 184 -6.82 -19.40 -1.67
C CYS B 184 -7.82 -19.11 -2.78
N PRO B 185 -7.83 -17.88 -3.28
CA PRO B 185 -8.78 -17.48 -4.32
C PRO B 185 -8.74 -18.36 -5.58
N GLY B 186 -7.55 -18.76 -6.00
CA GLY B 186 -7.41 -19.55 -7.21
C GLY B 186 -8.14 -20.88 -7.11
N ARG B 187 -7.91 -21.57 -5.99
CA ARG B 187 -8.57 -22.83 -5.73
C ARG B 187 -10.07 -22.64 -5.60
N ASP B 188 -10.48 -21.65 -4.81
CA ASP B 188 -11.90 -21.45 -4.57
C ASP B 188 -12.64 -21.09 -5.87
N ARG B 189 -11.99 -20.31 -6.73
CA ARG B 189 -12.59 -19.99 -8.03
C ARG B 189 -12.81 -21.25 -8.89
N ARG B 190 -11.78 -22.09 -9.00
CA ARG B 190 -11.92 -23.33 -9.76
C ARG B 190 -13.03 -24.21 -9.20
N THR B 191 -13.03 -24.39 -7.88
CA THR B 191 -14.07 -25.18 -7.22
C THR B 191 -15.45 -24.67 -7.62
N GLU B 192 -15.71 -23.40 -7.36
CA GLU B 192 -17.05 -22.84 -7.59
C GLU B 192 -17.42 -22.85 -9.06
N GLU B 193 -16.44 -22.71 -9.96
CA GLU B 193 -16.71 -22.79 -11.38
C GLU B 193 -16.99 -24.23 -11.77
N GLU B 194 -16.33 -25.16 -11.09
CA GLU B 194 -16.57 -26.58 -11.33
C GLU B 194 -18.00 -26.92 -10.93
N ASN B 195 -18.38 -26.51 -9.72
CA ASN B 195 -19.73 -26.73 -9.24
C ASN B 195 -20.76 -26.22 -10.25
N LEU B 196 -20.48 -25.05 -10.81
CA LEU B 196 -21.37 -24.47 -11.81
C LEU B 196 -21.42 -25.35 -13.05
C01 P74 C . 19.90 17.15 -8.85
C04 P74 C . 19.60 18.27 -8.02
C05 P74 C . 19.30 19.20 -7.34
C06 P74 C . 18.92 20.34 -6.49
N P74 C . 18.95 21.53 -7.32
C1 P74 C . 20.67 16.46 -11.03
N1 P74 C . 20.87 15.81 -13.44
O1 P74 C . 20.84 14.13 -11.57
C02 P74 C . 19.74 15.82 -8.45
C2 P74 C . 21.17 16.83 -12.40
N2 P74 C . 19.93 13.88 -17.17
C03 P74 C . 21.89 15.85 -14.53
C3 P74 C . 20.35 17.48 -10.15
C4 P74 C . 20.07 14.82 -9.37
C7 P74 C . 20.53 15.10 -10.66
C8 P74 C . 21.60 14.71 -15.49
C10 P74 C . 20.21 14.95 -16.09
C11 P74 C . 18.63 13.11 -16.97
C12 P74 C . 17.92 12.99 -18.31
C13 P74 C . 20.19 14.23 -18.63
C14 P74 C . 21.56 14.82 -18.91
C15 P74 C . 19.16 14.88 -14.97
C16 P74 C . 19.48 15.97 -13.96
I2 P74 C . 19.87 12.77 -8.80
C07 P74 C . 20.12 22.16 -7.60
O01 P74 C . 19.90 23.03 -8.62
C08 P74 C . 21.00 23.68 -9.31
C09 P74 C . 20.32 24.49 -10.40
C17 P74 C . 21.94 22.66 -9.99
C P74 C . 21.77 24.62 -8.37
O P74 C . 21.18 21.93 -7.03
ZN ZN D . 18.10 -3.47 18.27
C01 P74 E . -12.72 9.56 -17.70
C04 P74 E . -12.97 10.69 -16.87
C05 P74 E . -13.20 11.65 -16.18
C06 P74 E . -13.48 12.81 -15.34
N P74 E . -13.54 13.97 -16.18
C1 P74 E . -12.11 8.77 -19.91
N1 P74 E . -12.08 8.08 -22.32
O1 P74 E . -12.00 6.40 -20.34
C02 P74 E . -12.87 8.24 -17.23
C2 P74 E . -11.70 9.11 -21.32
N2 P74 E . -13.32 5.81 -25.68
C03 P74 E . -11.13 8.04 -23.48
C3 P74 E . -12.35 9.82 -19.03
C4 P74 E . -12.61 7.21 -18.14
C7 P74 E . -12.23 7.42 -19.48
C8 P74 E . -11.53 6.85 -24.33
C10 P74 E . -12.94 7.05 -24.86
C11 P74 E . -14.85 5.63 -25.84
C12 P74 E . -15.08 4.82 -27.10
C13 P74 E . -12.61 5.60 -27.01
C14 P74 E . -11.40 4.70 -26.91
C15 P74 E . -13.95 7.17 -23.71
C16 P74 E . -13.50 8.28 -22.78
I2 P74 E . -12.77 5.19 -17.51
C07 P74 E . -12.42 14.60 -16.61
O01 P74 E . -12.75 15.46 -17.61
C08 P74 E . -11.73 16.04 -18.46
C09 P74 E . -12.51 16.76 -19.58
C17 P74 E . -10.85 14.97 -19.12
C P74 E . -10.90 17.06 -17.69
O P74 E . -11.29 14.39 -16.17
ZN ZN F . -12.66 -9.97 10.27
#